data_3DWW
#
_entry.id   3DWW
#
_cell.length_a   93.200
_cell.length_b   84.600
_cell.length_c   100.000
_cell.angle_alpha   90.00
_cell.angle_beta   90.00
_cell.angle_gamma   90.00
#
_symmetry.space_group_name_H-M   'P 21 21 2'
#
loop_
_entity.id
_entity.type
_entity.pdbx_description
1 polymer 'Prostaglandin E synthase'
2 non-polymer GLUTATHIONE
#
_entity_poly.entity_id   1
_entity_poly.type   'polypeptide(L)'
_entity_poly.pdbx_seq_one_letter_code
;HHHHHHMPAHSLVMSSPALPAFLLCSTLLVIKMYVVAIITGQVRLRKKAFANPEDALRHGGPQYCRSDPDVERCLRAHRN
DMETIYPFLFLGFVYSFLGPNPFVAWMHFLVFLVGRVAHTVAYLGKLRAPIRSVTYTLAQLPCASMALQILWEAARHL
;
_entity_poly.pdbx_strand_id   A,B,C
#
loop_
_chem_comp.id
_chem_comp.type
_chem_comp.name
_chem_comp.formula
GSH non-polymer GLUTATHIONE 'C10 H17 N3 O6 S'
#
# COMPACT_ATOMS: atom_id res chain seq x y z
N PRO A 17 -21.57 9.81 17.18
CA PRO A 17 -21.41 8.40 16.85
C PRO A 17 -20.34 8.21 15.79
N ALA A 18 -20.18 9.22 14.93
CA ALA A 18 -19.23 9.20 13.83
C ALA A 18 -17.77 9.21 14.31
N LEU A 19 -17.22 10.42 14.49
CA LEU A 19 -15.80 10.63 14.91
C LEU A 19 -15.26 9.57 15.88
N PRO A 20 -16.07 9.14 16.86
CA PRO A 20 -15.50 8.13 17.72
C PRO A 20 -15.24 6.77 17.05
N ALA A 21 -16.21 6.22 16.33
CA ALA A 21 -15.99 4.94 15.61
C ALA A 21 -14.66 4.92 14.81
N PHE A 22 -14.11 6.12 14.60
CA PHE A 22 -12.85 6.32 13.86
C PHE A 22 -11.61 6.40 14.73
N LEU A 23 -11.80 6.82 15.97
CA LEU A 23 -10.66 6.99 16.84
C LEU A 23 -9.86 5.70 16.78
N LEU A 24 -10.50 4.59 17.13
CA LEU A 24 -9.83 3.31 17.35
C LEU A 24 -9.25 2.74 16.08
N CYS A 25 -9.67 3.30 14.95
CA CYS A 25 -9.13 2.91 13.66
C CYS A 25 -7.67 3.35 13.57
N SER A 26 -7.32 4.41 14.28
CA SER A 26 -5.93 4.79 14.41
C SER A 26 -5.23 3.75 15.28
N THR A 27 -5.54 3.76 16.60
CA THR A 27 -4.90 2.92 17.64
C THR A 27 -4.70 1.49 17.23
N LEU A 28 -5.76 0.89 16.70
CA LEU A 28 -5.80 -0.55 16.47
C LEU A 28 -5.05 -0.96 15.21
N LEU A 29 -5.17 -0.15 14.16
CA LEU A 29 -4.58 -0.49 12.87
C LEU A 29 -3.13 -0.02 12.75
N VAL A 30 -2.71 0.83 13.69
CA VAL A 30 -1.31 1.09 13.95
C VAL A 30 -0.65 -0.19 14.47
N ILE A 31 -1.09 -0.66 15.64
CA ILE A 31 -0.70 -1.97 16.16
C ILE A 31 -0.61 -2.93 14.99
N LYS A 32 -1.77 -3.23 14.42
CA LYS A 32 -1.89 -4.11 13.25
C LYS A 32 -0.79 -3.88 12.20
N MET A 33 -0.73 -2.68 11.62
CA MET A 33 0.35 -2.39 10.70
C MET A 33 1.61 -1.96 11.44
N TYR A 34 1.76 -0.68 11.74
CA TYR A 34 3.07 -0.18 12.13
C TYR A 34 3.68 -0.59 13.51
N VAL A 35 2.95 -1.28 14.41
CA VAL A 35 3.71 -1.88 15.54
C VAL A 35 4.26 -3.26 15.17
N VAL A 36 3.56 -3.94 14.27
CA VAL A 36 4.00 -5.21 13.65
C VAL A 36 5.10 -4.88 12.63
N ALA A 37 5.18 -3.61 12.22
CA ALA A 37 6.30 -3.07 11.48
C ALA A 37 7.52 -2.89 12.38
N ILE A 38 7.30 -2.30 13.55
CA ILE A 38 8.37 -2.01 14.51
C ILE A 38 8.87 -3.27 15.26
N ILE A 39 7.99 -4.23 15.54
CA ILE A 39 8.46 -5.50 16.14
C ILE A 39 9.25 -6.37 15.14
N THR A 40 8.58 -6.92 14.13
CA THR A 40 9.23 -7.70 13.06
C THR A 40 10.66 -7.24 12.78
N GLY A 41 10.78 -6.05 12.18
CA GLY A 41 12.06 -5.50 11.71
C GLY A 41 13.09 -5.21 12.77
N GLN A 42 12.64 -4.67 13.90
CA GLN A 42 13.50 -4.49 15.06
C GLN A 42 14.01 -5.84 15.57
N VAL A 43 13.13 -6.84 15.65
CA VAL A 43 13.55 -8.20 16.08
C VAL A 43 14.52 -8.76 15.06
N ARG A 44 14.32 -8.40 13.79
CA ARG A 44 15.17 -8.85 12.68
C ARG A 44 16.58 -8.27 12.71
N LEU A 45 16.70 -6.95 12.85
CA LEU A 45 18.01 -6.30 12.79
C LEU A 45 18.94 -6.70 13.94
N ARG A 46 18.38 -7.33 14.97
CA ARG A 46 19.16 -7.83 16.10
C ARG A 46 19.59 -9.27 15.86
N LYS A 47 18.73 -10.04 15.20
CA LYS A 47 18.95 -11.46 14.94
C LYS A 47 19.82 -11.67 13.71
N LYS A 48 20.14 -10.56 13.07
CA LYS A 48 20.83 -10.51 11.79
C LYS A 48 21.85 -11.62 11.57
N ALA A 49 21.45 -12.62 10.78
CA ALA A 49 22.36 -13.60 10.20
C ALA A 49 22.89 -13.03 8.86
N PHE A 50 22.47 -11.81 8.56
CA PHE A 50 22.91 -11.12 7.35
C PHE A 50 24.36 -10.65 7.43
N ALA A 51 24.89 -10.27 6.27
CA ALA A 51 26.32 -10.38 5.94
C ALA A 51 26.57 -11.88 5.73
N ASN A 52 25.46 -12.56 5.35
CA ASN A 52 25.37 -14.01 5.08
C ASN A 52 26.53 -14.50 4.22
N PRO A 53 27.01 -15.75 4.45
CA PRO A 53 28.28 -16.37 4.06
C PRO A 53 29.13 -15.49 3.17
N GLU A 54 29.40 -14.27 3.66
CA GLU A 54 29.97 -13.18 2.89
C GLU A 54 29.09 -12.88 1.68
N ASP A 55 28.39 -11.75 1.76
CA ASP A 55 27.49 -11.31 0.71
C ASP A 55 27.38 -9.79 0.70
N ALA A 56 26.95 -9.25 -0.43
CA ALA A 56 26.16 -8.03 -0.43
C ALA A 56 24.79 -8.68 -0.28
N LEU A 57 23.83 -7.99 0.35
CA LEU A 57 22.55 -8.68 0.59
C LEU A 57 21.64 -8.75 -0.62
N ARG A 58 20.35 -8.98 -0.39
CA ARG A 58 19.37 -9.52 -1.37
C ARG A 58 19.60 -11.03 -1.53
N HIS A 59 18.67 -11.70 -2.21
CA HIS A 59 18.59 -13.17 -2.23
C HIS A 59 18.34 -13.74 -0.85
N GLY A 60 17.09 -14.11 -0.56
CA GLY A 60 16.72 -14.73 0.72
C GLY A 60 16.55 -16.24 0.68
N GLY A 61 17.59 -16.97 1.08
CA GLY A 61 17.56 -18.43 1.10
C GLY A 61 18.89 -19.17 1.02
N PRO A 62 19.84 -18.86 1.94
CA PRO A 62 21.09 -19.62 2.05
C PRO A 62 20.94 -20.77 3.04
N GLN A 63 20.77 -20.44 4.33
CA GLN A 63 20.36 -21.41 5.32
C GLN A 63 18.84 -21.32 5.45
N TYR A 64 18.20 -22.38 5.95
CA TYR A 64 16.78 -22.30 6.30
C TYR A 64 16.64 -21.17 7.33
N CYS A 65 17.28 -21.36 8.49
CA CYS A 65 17.25 -20.41 9.61
C CYS A 65 17.14 -18.96 9.16
N ARG A 66 18.23 -18.42 8.62
CA ARG A 66 18.24 -17.04 8.20
C ARG A 66 16.87 -16.62 7.64
N SER A 67 16.62 -17.01 6.39
CA SER A 67 15.55 -16.43 5.55
C SER A 67 14.27 -17.27 5.37
N ASP A 68 14.39 -18.61 5.38
CA ASP A 68 13.21 -19.47 5.13
C ASP A 68 11.92 -19.09 5.88
N PRO A 69 11.94 -19.02 7.25
CA PRO A 69 10.69 -18.66 7.95
C PRO A 69 10.53 -17.14 8.11
N ASP A 70 11.61 -16.41 7.85
CA ASP A 70 11.68 -14.98 8.07
C ASP A 70 11.21 -14.26 6.83
N VAL A 71 11.79 -14.60 5.67
CA VAL A 71 11.48 -13.94 4.39
C VAL A 71 9.98 -14.03 4.03
N GLU A 72 9.36 -15.15 4.37
CA GLU A 72 7.92 -15.29 4.40
C GLU A 72 7.34 -14.31 5.43
N ARG A 73 7.68 -14.47 6.71
CA ARG A 73 7.17 -13.62 7.79
C ARG A 73 7.28 -12.11 7.52
N CYS A 74 8.47 -11.65 7.15
CA CYS A 74 8.66 -10.25 6.81
C CYS A 74 7.75 -9.86 5.65
N LEU A 75 7.73 -10.67 4.61
CA LEU A 75 6.81 -10.47 3.50
C LEU A 75 5.33 -10.61 3.98
N ARG A 76 4.93 -11.82 4.39
CA ARG A 76 3.58 -12.05 4.93
C ARG A 76 3.14 -10.97 5.95
N ALA A 77 3.90 -10.83 7.04
CA ALA A 77 3.55 -9.91 8.13
C ALA A 77 3.31 -8.52 7.61
N HIS A 78 4.11 -8.13 6.61
CA HIS A 78 3.90 -6.90 5.83
C HIS A 78 2.74 -7.04 4.88
N ARG A 79 2.61 -8.23 4.27
CA ARG A 79 1.54 -8.52 3.31
C ARG A 79 0.18 -8.33 3.95
N ASN A 80 -0.03 -9.01 5.08
CA ASN A 80 -1.30 -9.01 5.78
C ASN A 80 -1.77 -7.59 6.14
N ASP A 81 -0.91 -6.88 6.85
CA ASP A 81 -1.17 -5.52 7.29
C ASP A 81 -1.25 -4.53 6.11
N MET A 82 -0.58 -4.86 5.01
CA MET A 82 -0.74 -4.09 3.77
C MET A 82 -2.14 -4.25 3.22
N GLU A 83 -2.51 -5.50 2.93
CA GLU A 83 -3.73 -5.84 2.17
C GLU A 83 -5.03 -5.33 2.78
N THR A 84 -5.30 -5.68 4.05
CA THR A 84 -6.51 -5.20 4.72
C THR A 84 -6.59 -3.70 4.80
N ILE A 85 -5.48 -3.10 5.22
CA ILE A 85 -5.50 -1.72 5.69
C ILE A 85 -6.23 -0.78 4.71
N TYR A 86 -5.81 -0.70 3.46
CA TYR A 86 -6.39 0.28 2.52
C TYR A 86 -7.93 0.21 2.34
N PRO A 87 -8.49 -0.96 1.89
CA PRO A 87 -9.94 -1.27 1.95
C PRO A 87 -10.64 -0.82 3.24
N PHE A 88 -9.99 -1.03 4.38
CA PHE A 88 -10.57 -0.59 5.63
C PHE A 88 -10.30 0.88 5.96
N LEU A 89 -9.26 1.44 5.34
CA LEU A 89 -8.96 2.83 5.52
C LEU A 89 -9.92 3.61 4.64
N PHE A 90 -9.58 3.74 3.36
CA PHE A 90 -10.28 4.62 2.44
C PHE A 90 -11.79 4.37 2.26
N LEU A 91 -12.20 3.11 2.06
CA LEU A 91 -13.63 2.79 1.83
C LEU A 91 -14.44 3.37 2.97
N GLY A 92 -14.02 3.01 4.18
CA GLY A 92 -14.52 3.65 5.39
C GLY A 92 -14.34 5.15 5.30
N PHE A 93 -13.09 5.60 5.18
CA PHE A 93 -12.72 7.02 5.36
C PHE A 93 -13.53 8.01 4.53
N VAL A 94 -13.62 7.75 3.23
CA VAL A 94 -14.41 8.60 2.31
C VAL A 94 -15.92 8.40 2.48
N TYR A 95 -16.27 7.45 3.33
CA TYR A 95 -17.63 7.27 3.79
C TYR A 95 -17.77 7.94 5.16
N SER A 96 -16.64 8.08 5.83
CA SER A 96 -16.60 8.49 7.23
C SER A 96 -16.73 10.00 7.38
N PHE A 97 -16.38 10.73 6.33
CA PHE A 97 -16.55 12.17 6.29
C PHE A 97 -17.78 12.50 5.41
N LEU A 98 -18.94 12.07 5.89
CA LEU A 98 -20.23 12.13 5.16
C LEU A 98 -21.45 12.02 6.09
N GLY A 99 -21.22 11.64 7.35
CA GLY A 99 -22.27 11.57 8.37
C GLY A 99 -22.86 10.18 8.59
N PRO A 100 -21.98 9.16 8.74
CA PRO A 100 -22.41 7.77 8.72
C PRO A 100 -22.92 7.26 10.06
N ASN A 101 -23.12 5.95 10.18
CA ASN A 101 -23.78 5.39 11.34
C ASN A 101 -22.84 4.63 12.28
N PRO A 102 -23.16 4.66 13.60
CA PRO A 102 -22.48 3.95 14.70
C PRO A 102 -22.35 2.44 14.48
N PHE A 103 -23.08 1.63 15.26
CA PHE A 103 -22.95 0.17 15.26
C PHE A 103 -22.21 -0.36 14.04
N VAL A 104 -22.77 0.00 12.88
CA VAL A 104 -22.26 -0.28 11.53
C VAL A 104 -20.74 -0.17 11.42
N ALA A 105 -20.22 1.00 11.72
CA ALA A 105 -18.79 1.24 11.67
C ALA A 105 -18.04 0.28 12.59
N TRP A 106 -18.42 0.26 13.87
CA TRP A 106 -17.76 -0.52 14.93
C TRP A 106 -17.51 -1.98 14.59
N MET A 107 -18.50 -2.62 13.93
CA MET A 107 -18.41 -4.03 13.51
C MET A 107 -17.38 -4.30 12.41
N HIS A 108 -16.99 -3.27 11.64
CA HIS A 108 -15.91 -3.38 10.63
C HIS A 108 -14.55 -3.48 11.29
N PHE A 109 -14.36 -2.73 12.36
CA PHE A 109 -13.12 -2.77 13.14
C PHE A 109 -12.99 -4.13 13.83
N LEU A 110 -14.15 -4.76 14.07
CA LEU A 110 -14.21 -6.10 14.64
C LEU A 110 -14.09 -7.19 13.56
N VAL A 111 -14.64 -6.95 12.36
CA VAL A 111 -14.46 -7.88 11.25
C VAL A 111 -13.10 -7.75 10.57
N PHE A 112 -12.57 -6.52 10.47
CA PHE A 112 -11.28 -6.30 9.82
C PHE A 112 -10.11 -6.69 10.70
N LEU A 113 -9.98 -6.03 11.85
CA LEU A 113 -8.89 -6.30 12.77
C LEU A 113 -8.88 -7.75 13.28
N VAL A 114 -10.07 -8.30 13.56
CA VAL A 114 -10.13 -9.72 13.96
C VAL A 114 -10.09 -10.64 12.73
N GLY A 115 -10.70 -10.19 11.64
CA GLY A 115 -10.62 -10.90 10.36
C GLY A 115 -9.19 -10.97 9.87
N ARG A 116 -8.44 -9.88 10.04
CA ARG A 116 -7.05 -9.90 9.63
C ARG A 116 -6.12 -10.66 10.59
N VAL A 117 -6.23 -10.43 11.90
CA VAL A 117 -5.21 -10.91 12.86
C VAL A 117 -5.18 -12.44 12.98
N ALA A 118 -6.37 -13.04 13.01
CA ALA A 118 -6.52 -14.48 12.86
C ALA A 118 -6.10 -14.92 11.44
N HIS A 119 -6.21 -14.00 10.47
CA HIS A 119 -5.58 -14.21 9.17
C HIS A 119 -4.05 -14.12 9.20
N THR A 120 -3.54 -13.03 9.80
CA THR A 120 -2.10 -12.77 9.87
C THR A 120 -1.40 -13.85 10.70
N VAL A 121 -1.88 -14.05 11.92
CA VAL A 121 -1.20 -14.94 12.85
C VAL A 121 -1.17 -16.42 12.39
N ALA A 122 -2.26 -16.89 11.79
CA ALA A 122 -2.32 -18.26 11.33
C ALA A 122 -1.30 -18.49 10.22
N TYR A 123 -1.17 -17.49 9.34
CA TYR A 123 -0.27 -17.52 8.17
C TYR A 123 1.22 -17.20 8.48
N LEU A 124 1.54 -16.90 9.74
CA LEU A 124 2.92 -16.67 10.10
C LEU A 124 3.55 -17.93 10.68
N GLY A 125 2.87 -18.54 11.66
CA GLY A 125 3.34 -19.78 12.31
C GLY A 125 3.40 -20.95 11.35
N LYS A 126 2.32 -21.73 11.31
CA LYS A 126 2.22 -22.84 10.36
C LYS A 126 2.61 -22.26 9.01
N LEU A 127 3.55 -22.92 8.34
CA LEU A 127 4.17 -22.41 7.10
C LEU A 127 3.21 -22.40 5.92
N ARG A 128 2.25 -23.32 5.97
CA ARG A 128 1.41 -23.66 4.84
C ARG A 128 0.38 -22.60 4.50
N ALA A 129 0.36 -22.19 3.23
CA ALA A 129 -0.54 -21.13 2.75
C ALA A 129 -2.03 -21.49 2.85
N PRO A 130 -2.38 -22.79 2.69
CA PRO A 130 -3.76 -23.19 2.90
C PRO A 130 -4.33 -22.75 4.23
N ILE A 131 -3.50 -22.71 5.29
CA ILE A 131 -3.96 -22.21 6.60
C ILE A 131 -4.59 -20.80 6.49
N ARG A 132 -4.09 -20.00 5.54
CA ARG A 132 -4.64 -18.67 5.30
C ARG A 132 -6.06 -18.79 4.77
N SER A 133 -6.54 -20.03 4.73
CA SER A 133 -7.90 -20.37 4.31
C SER A 133 -9.03 -19.57 4.94
N VAL A 134 -9.21 -19.70 6.25
CA VAL A 134 -10.51 -19.39 6.83
C VAL A 134 -10.72 -17.92 7.08
N THR A 135 -9.66 -17.24 7.50
CA THR A 135 -9.70 -15.82 7.84
C THR A 135 -9.57 -14.92 6.62
N TYR A 136 -8.88 -15.41 5.60
CA TYR A 136 -8.69 -14.66 4.35
C TYR A 136 -10.03 -14.30 3.74
N THR A 137 -11.04 -15.12 3.98
CA THR A 137 -12.37 -14.80 3.49
C THR A 137 -13.07 -13.87 4.48
N LEU A 138 -12.81 -14.02 5.78
CA LEU A 138 -13.33 -13.07 6.76
C LEU A 138 -12.81 -11.63 6.51
N ALA A 139 -11.63 -11.48 5.90
CA ALA A 139 -11.12 -10.18 5.47
C ALA A 139 -11.83 -9.70 4.20
N GLN A 140 -12.03 -10.59 3.23
CA GLN A 140 -12.72 -10.29 1.95
C GLN A 140 -14.18 -9.85 2.07
N LEU A 141 -14.85 -10.34 3.11
CA LEU A 141 -16.31 -10.20 3.26
C LEU A 141 -16.87 -8.98 4.06
N PRO A 142 -16.01 -8.25 4.83
CA PRO A 142 -16.47 -6.93 5.29
C PRO A 142 -16.21 -5.84 4.24
N CYS A 143 -15.59 -6.24 3.13
CA CYS A 143 -15.47 -5.39 1.94
C CYS A 143 -16.74 -5.43 1.09
N ALA A 144 -17.51 -6.49 1.24
CA ALA A 144 -18.87 -6.57 0.74
C ALA A 144 -19.81 -5.82 1.68
N SER A 145 -19.46 -5.76 2.97
CA SER A 145 -20.25 -5.03 3.99
C SER A 145 -19.97 -3.53 4.00
N MET A 146 -18.70 -3.14 4.02
CA MET A 146 -18.30 -1.72 3.93
C MET A 146 -18.76 -0.99 2.65
N ALA A 147 -18.26 -1.45 1.51
CA ALA A 147 -18.41 -0.73 0.25
C ALA A 147 -19.85 -0.28 -0.07
N LEU A 148 -20.82 -1.18 0.12
CA LEU A 148 -22.23 -0.88 -0.14
C LEU A 148 -22.81 0.16 0.83
N GLN A 149 -22.42 0.07 2.10
CA GLN A 149 -22.93 0.95 3.17
C GLN A 149 -22.55 2.39 2.95
N ILE A 150 -21.43 2.57 2.27
CA ILE A 150 -21.09 3.85 1.67
C ILE A 150 -22.16 4.16 0.63
N LEU A 151 -22.23 3.33 -0.43
CA LEU A 151 -22.98 3.64 -1.65
C LEU A 151 -24.42 4.11 -1.49
N TRP A 152 -25.14 3.50 -0.56
CA TRP A 152 -26.55 3.81 -0.36
C TRP A 152 -26.70 5.08 0.48
N GLU A 153 -25.71 5.34 1.32
CA GLU A 153 -25.75 6.50 2.19
C GLU A 153 -25.43 7.76 1.39
N ALA A 154 -24.20 7.87 0.89
CA ALA A 154 -23.79 8.97 0.00
C ALA A 154 -24.84 9.31 -1.06
N ALA A 155 -25.42 8.28 -1.69
CA ALA A 155 -26.55 8.44 -2.61
C ALA A 155 -27.82 8.97 -1.92
N ARG A 156 -27.92 8.71 -0.61
CA ARG A 156 -29.01 9.19 0.24
C ARG A 156 -28.81 10.66 0.63
N HIS A 157 -27.55 11.05 0.77
CA HIS A 157 -27.19 12.41 1.13
C HIS A 157 -27.50 13.41 0.00
N LEU A 158 -27.47 12.92 -1.23
CA LEU A 158 -27.70 13.77 -2.40
C LEU A 158 -28.88 13.21 -3.22
N PRO B 17 -22.17 17.44 -5.93
CA PRO B 17 -21.04 17.94 -6.73
C PRO B 17 -19.68 17.42 -6.24
N ALA B 18 -19.46 17.47 -4.92
CA ALA B 18 -18.21 16.99 -4.31
C ALA B 18 -18.31 15.52 -3.88
N LEU B 19 -19.30 15.24 -3.04
CA LEU B 19 -19.50 13.93 -2.42
C LEU B 19 -20.15 12.87 -3.33
N PRO B 20 -20.89 13.31 -4.39
CA PRO B 20 -21.18 12.29 -5.40
C PRO B 20 -19.94 11.91 -6.21
N ALA B 21 -19.00 12.85 -6.31
CA ALA B 21 -17.82 12.71 -7.18
C ALA B 21 -16.83 11.73 -6.61
N PHE B 22 -16.46 11.96 -5.34
CA PHE B 22 -15.66 11.00 -4.59
C PHE B 22 -16.50 9.77 -4.22
N LEU B 23 -17.80 9.83 -4.54
CA LEU B 23 -18.72 8.71 -4.33
C LEU B 23 -18.26 7.46 -5.05
N LEU B 24 -18.34 7.46 -6.38
CA LEU B 24 -18.13 6.22 -7.15
C LEU B 24 -16.68 5.75 -7.17
N CYS B 25 -15.86 6.43 -6.39
CA CYS B 25 -14.43 6.21 -6.29
C CYS B 25 -14.10 5.12 -5.29
N SER B 26 -15.08 4.79 -4.46
CA SER B 26 -15.01 3.62 -3.58
C SER B 26 -15.21 2.40 -4.43
N THR B 27 -16.29 2.41 -5.22
CA THR B 27 -16.79 1.24 -5.99
C THR B 27 -15.87 0.82 -7.13
N LEU B 28 -15.22 1.80 -7.77
CA LEU B 28 -14.22 1.52 -8.80
C LEU B 28 -13.05 0.74 -8.20
N LEU B 29 -12.71 1.04 -6.94
CA LEU B 29 -11.54 0.46 -6.30
C LEU B 29 -11.88 -0.63 -5.25
N VAL B 30 -13.16 -1.01 -5.15
CA VAL B 30 -13.56 -2.27 -4.45
C VAL B 30 -13.60 -3.42 -5.45
N ILE B 31 -13.91 -3.08 -6.71
CA ILE B 31 -13.80 -4.01 -7.83
C ILE B 31 -12.33 -4.11 -8.22
N LYS B 32 -11.61 -3.00 -8.09
CA LYS B 32 -10.24 -2.89 -8.63
C LYS B 32 -9.14 -3.26 -7.63
N MET B 33 -9.23 -2.74 -6.42
CA MET B 33 -8.39 -3.30 -5.38
C MET B 33 -8.98 -4.61 -4.86
N TYR B 34 -10.26 -4.61 -4.49
CA TYR B 34 -10.81 -5.83 -3.90
C TYR B 34 -11.72 -6.83 -4.68
N VAL B 35 -12.27 -6.50 -5.86
CA VAL B 35 -12.87 -7.62 -6.64
C VAL B 35 -11.78 -8.48 -7.31
N VAL B 36 -10.78 -7.81 -7.91
CA VAL B 36 -9.64 -8.46 -8.58
C VAL B 36 -8.85 -9.37 -7.64
N ALA B 37 -8.51 -8.83 -6.47
CA ALA B 37 -7.83 -9.57 -5.42
C ALA B 37 -8.66 -10.78 -4.98
N ILE B 38 -9.96 -10.56 -4.78
CA ILE B 38 -10.86 -11.64 -4.42
C ILE B 38 -10.83 -12.80 -5.44
N ILE B 39 -11.00 -12.50 -6.74
CA ILE B 39 -10.86 -13.51 -7.81
C ILE B 39 -9.47 -14.14 -7.87
N THR B 40 -8.44 -13.29 -8.00
CA THR B 40 -7.05 -13.76 -8.06
C THR B 40 -6.70 -14.53 -6.78
N GLY B 41 -7.38 -14.21 -5.69
CA GLY B 41 -7.47 -15.13 -4.56
C GLY B 41 -8.23 -16.39 -4.96
N GLN B 42 -9.54 -16.23 -5.15
CA GLN B 42 -10.51 -17.36 -5.27
C GLN B 42 -10.20 -18.49 -6.26
N VAL B 43 -9.77 -18.13 -7.47
CA VAL B 43 -9.42 -19.09 -8.53
C VAL B 43 -8.00 -19.66 -8.35
N ARG B 44 -7.09 -18.87 -7.75
CA ARG B 44 -5.71 -19.30 -7.52
C ARG B 44 -5.73 -20.48 -6.58
N LEU B 45 -6.54 -20.35 -5.53
CA LEU B 45 -6.59 -21.22 -4.35
C LEU B 45 -7.52 -22.41 -4.51
N ARG B 46 -8.51 -22.28 -5.39
CA ARG B 46 -9.41 -23.42 -5.68
C ARG B 46 -8.65 -24.52 -6.40
N LYS B 47 -7.97 -24.15 -7.49
CA LYS B 47 -7.08 -25.06 -8.20
C LYS B 47 -5.69 -25.08 -7.51
N LYS B 48 -5.68 -24.91 -6.19
CA LYS B 48 -4.44 -24.72 -5.44
C LYS B 48 -3.32 -25.61 -6.00
N ALA B 49 -2.38 -24.97 -6.68
CA ALA B 49 -1.18 -25.63 -7.17
C ALA B 49 -0.05 -25.49 -6.13
N PHE B 50 -0.39 -25.78 -4.87
CA PHE B 50 0.58 -25.84 -3.79
C PHE B 50 0.44 -27.20 -3.11
N ALA B 51 1.15 -27.43 -2.02
CA ALA B 51 1.48 -28.79 -1.56
C ALA B 51 2.43 -29.41 -2.58
N ASN B 52 3.43 -28.61 -2.94
CA ASN B 52 4.41 -28.88 -3.98
C ASN B 52 5.52 -29.84 -3.52
N PRO B 53 6.09 -30.61 -4.47
CA PRO B 53 6.91 -31.80 -4.27
C PRO B 53 7.16 -32.20 -2.82
N GLU B 54 6.10 -32.23 -2.01
CA GLU B 54 6.23 -32.47 -0.56
C GLU B 54 7.14 -31.40 0.07
N ASP B 55 6.56 -30.22 0.22
CA ASP B 55 7.28 -29.02 0.58
C ASP B 55 6.57 -28.35 1.74
N ALA B 56 7.36 -27.92 2.73
CA ALA B 56 6.95 -26.91 3.67
C ALA B 56 6.79 -25.62 2.85
N LEU B 57 5.65 -24.96 3.00
CA LEU B 57 5.26 -23.93 2.05
C LEU B 57 6.06 -22.60 2.00
N ARG B 58 6.79 -22.45 0.90
CA ARG B 58 7.21 -21.16 0.30
C ARG B 58 7.49 -21.37 -1.20
N HIS B 59 8.32 -20.49 -1.79
CA HIS B 59 8.87 -20.60 -3.15
C HIS B 59 7.82 -20.34 -4.26
N GLY B 60 8.17 -20.63 -5.51
CA GLY B 60 7.26 -20.35 -6.63
C GLY B 60 7.88 -20.16 -8.01
N GLY B 61 8.84 -21.02 -8.33
CA GLY B 61 9.44 -21.01 -9.66
C GLY B 61 9.96 -22.35 -10.15
N PRO B 62 9.15 -23.44 -10.05
CA PRO B 62 9.45 -24.73 -10.62
C PRO B 62 8.62 -25.08 -11.87
N GLN B 63 7.33 -25.42 -11.68
CA GLN B 63 6.42 -25.83 -12.77
C GLN B 63 5.65 -24.68 -13.39
N TYR B 64 5.80 -24.51 -14.71
CA TYR B 64 5.11 -23.48 -15.47
C TYR B 64 3.59 -23.63 -15.35
N CYS B 65 3.12 -24.88 -15.27
CA CYS B 65 1.71 -25.22 -14.98
C CYS B 65 1.27 -24.72 -13.59
N ARG B 66 2.23 -24.55 -12.69
CA ARG B 66 1.95 -24.20 -11.31
C ARG B 66 2.05 -22.70 -11.04
N SER B 67 3.24 -22.14 -11.24
CA SER B 67 3.52 -20.79 -10.77
C SER B 67 3.67 -19.75 -11.88
N ASP B 68 4.65 -19.90 -12.76
CA ASP B 68 4.99 -18.86 -13.73
C ASP B 68 3.85 -17.86 -14.06
N PRO B 69 2.72 -18.34 -14.63
CA PRO B 69 1.62 -17.39 -14.82
C PRO B 69 1.11 -16.88 -13.46
N ASP B 70 0.60 -17.77 -12.61
CA ASP B 70 0.05 -17.43 -11.29
C ASP B 70 0.96 -16.46 -10.52
N VAL B 71 2.15 -16.91 -10.14
CA VAL B 71 3.13 -16.04 -9.47
C VAL B 71 3.29 -14.67 -10.16
N GLU B 72 3.37 -14.68 -11.50
CA GLU B 72 3.23 -13.41 -12.24
C GLU B 72 1.80 -12.93 -11.95
N ARG B 73 0.82 -13.55 -12.63
CA ARG B 73 -0.62 -13.19 -12.58
C ARG B 73 -1.12 -12.55 -11.31
N CYS B 74 -0.88 -13.21 -10.17
CA CYS B 74 -1.35 -12.76 -8.86
C CYS B 74 -0.60 -11.53 -8.33
N LEU B 75 0.73 -11.56 -8.41
CA LEU B 75 1.53 -10.40 -7.98
C LEU B 75 1.46 -9.28 -9.01
N ARG B 76 1.20 -9.63 -10.28
CA ARG B 76 0.89 -8.66 -11.33
C ARG B 76 -0.25 -7.75 -10.88
N ALA B 77 -1.38 -8.37 -10.54
CA ALA B 77 -2.56 -7.64 -10.12
C ALA B 77 -2.31 -6.74 -8.89
N HIS B 78 -1.93 -7.36 -7.76
CA HIS B 78 -1.62 -6.64 -6.49
C HIS B 78 -0.66 -5.44 -6.73
N ARG B 79 0.49 -5.73 -7.35
CA ARG B 79 1.49 -4.72 -7.71
C ARG B 79 0.92 -3.53 -8.47
N ASN B 80 -0.13 -3.78 -9.25
CA ASN B 80 -0.79 -2.72 -10.02
C ASN B 80 -1.91 -2.04 -9.24
N ASP B 81 -2.63 -2.85 -8.46
CA ASP B 81 -3.76 -2.41 -7.63
C ASP B 81 -3.28 -1.55 -6.47
N MET B 82 -2.11 -1.88 -5.91
CA MET B 82 -1.48 -1.00 -4.89
C MET B 82 -0.91 0.37 -5.40
N GLU B 83 0.01 0.35 -6.36
CA GLU B 83 0.86 1.50 -6.76
C GLU B 83 0.19 2.83 -7.15
N THR B 84 -0.71 2.77 -8.14
CA THR B 84 -1.52 3.90 -8.57
C THR B 84 -2.58 4.29 -7.52
N ILE B 85 -3.00 3.32 -6.70
CA ILE B 85 -3.96 3.56 -5.62
C ILE B 85 -3.44 4.63 -4.68
N TYR B 86 -2.23 4.42 -4.16
CA TYR B 86 -1.71 5.31 -3.12
C TYR B 86 -1.94 6.77 -3.47
N PRO B 87 -1.42 7.25 -4.64
CA PRO B 87 -1.44 8.68 -4.92
C PRO B 87 -2.79 9.10 -5.47
N PHE B 88 -3.72 8.17 -5.54
CA PHE B 88 -5.07 8.50 -5.96
C PHE B 88 -5.94 8.77 -4.75
N LEU B 89 -5.75 7.96 -3.71
CA LEU B 89 -6.53 8.06 -2.50
C LEU B 89 -5.98 9.21 -1.67
N PHE B 90 -4.77 9.02 -1.16
CA PHE B 90 -4.04 10.09 -0.47
C PHE B 90 -4.18 11.45 -1.19
N LEU B 91 -3.67 11.52 -2.42
CA LEU B 91 -3.65 12.76 -3.19
C LEU B 91 -5.02 13.42 -3.35
N GLY B 92 -6.00 12.63 -3.76
CA GLY B 92 -7.38 13.11 -3.85
C GLY B 92 -7.91 13.66 -2.53
N PHE B 93 -7.73 12.89 -1.46
CA PHE B 93 -8.49 13.12 -0.23
C PHE B 93 -8.02 14.25 0.65
N VAL B 94 -6.70 14.53 0.66
CA VAL B 94 -6.20 15.75 1.30
C VAL B 94 -6.90 16.96 0.67
N TYR B 95 -7.38 16.77 -0.57
CA TYR B 95 -7.97 17.81 -1.39
C TYR B 95 -9.49 17.69 -1.58
N SER B 96 -10.09 16.64 -1.03
CA SER B 96 -11.53 16.45 -1.17
C SER B 96 -12.29 17.31 -0.18
N PHE B 97 -12.10 17.01 1.10
CA PHE B 97 -12.75 17.74 2.19
C PHE B 97 -12.05 19.11 2.33
N LEU B 98 -12.28 19.93 1.31
CA LEU B 98 -11.50 21.13 1.04
C LEU B 98 -12.26 22.08 0.11
N GLY B 99 -12.99 21.51 -0.86
CA GLY B 99 -13.81 22.28 -1.83
C GLY B 99 -13.43 22.12 -3.31
N PRO B 100 -13.89 21.03 -3.96
CA PRO B 100 -13.36 20.59 -5.27
C PRO B 100 -14.18 21.02 -6.50
N ASN B 101 -13.75 20.58 -7.68
CA ASN B 101 -14.47 20.85 -8.93
C ASN B 101 -14.76 19.58 -9.78
N PRO B 102 -15.87 19.59 -10.56
CA PRO B 102 -16.51 18.33 -10.98
C PRO B 102 -15.79 17.60 -12.13
N PHE B 103 -15.77 18.18 -13.33
CA PHE B 103 -15.11 17.56 -14.48
C PHE B 103 -13.66 17.15 -14.17
N VAL B 104 -13.08 17.78 -13.14
CA VAL B 104 -11.71 17.47 -12.70
C VAL B 104 -11.69 16.28 -11.72
N ALA B 105 -12.52 16.33 -10.70
CA ALA B 105 -12.74 15.15 -9.87
C ALA B 105 -12.94 13.96 -10.81
N TRP B 106 -14.00 14.08 -11.61
CA TRP B 106 -14.56 13.02 -12.46
C TRP B 106 -13.68 12.46 -13.60
N MET B 107 -12.68 13.22 -14.04
CA MET B 107 -11.64 12.70 -14.92
C MET B 107 -10.64 11.85 -14.12
N HIS B 108 -10.14 12.39 -13.01
CA HIS B 108 -9.13 11.71 -12.19
C HIS B 108 -9.47 10.25 -11.85
N PHE B 109 -10.74 9.96 -11.61
CA PHE B 109 -11.20 8.59 -11.37
C PHE B 109 -11.17 7.74 -12.63
N LEU B 110 -11.53 8.35 -13.76
CA LEU B 110 -11.52 7.68 -15.08
C LEU B 110 -10.17 7.73 -15.81
N VAL B 111 -9.43 8.82 -15.61
CA VAL B 111 -8.10 8.94 -16.20
C VAL B 111 -7.16 7.97 -15.47
N PHE B 112 -6.97 8.18 -14.17
CA PHE B 112 -6.22 7.23 -13.34
C PHE B 112 -6.52 5.78 -13.74
N LEU B 113 -7.82 5.42 -13.62
CA LEU B 113 -8.25 4.01 -13.64
C LEU B 113 -8.11 3.36 -14.99
N VAL B 114 -8.70 3.96 -16.02
CA VAL B 114 -8.49 3.41 -17.35
C VAL B 114 -7.01 3.61 -17.75
N GLY B 115 -6.33 4.51 -17.02
CA GLY B 115 -4.88 4.58 -17.02
C GLY B 115 -4.25 3.38 -16.31
N ARG B 116 -5.03 2.68 -15.48
CA ARG B 116 -4.52 1.52 -14.74
C ARG B 116 -4.92 0.14 -15.30
N VAL B 117 -6.20 -0.01 -15.65
CA VAL B 117 -6.83 -1.33 -15.92
C VAL B 117 -6.38 -1.92 -17.23
N ALA B 118 -6.12 -1.05 -18.20
CA ALA B 118 -5.51 -1.45 -19.47
C ALA B 118 -3.98 -1.46 -19.32
N HIS B 119 -3.48 -0.95 -18.18
CA HIS B 119 -2.12 -1.23 -17.75
C HIS B 119 -2.06 -2.58 -17.03
N THR B 120 -3.08 -2.87 -16.21
CA THR B 120 -3.11 -4.06 -15.35
C THR B 120 -3.47 -5.41 -16.01
N VAL B 121 -4.40 -5.41 -16.98
CA VAL B 121 -4.69 -6.66 -17.71
C VAL B 121 -3.71 -6.84 -18.87
N ALA B 122 -3.04 -5.74 -19.24
CA ALA B 122 -2.02 -5.79 -20.27
C ALA B 122 -0.87 -6.61 -19.71
N TYR B 123 -0.20 -6.05 -18.71
CA TYR B 123 0.90 -6.76 -18.07
C TYR B 123 0.44 -8.15 -17.60
N LEU B 124 -0.86 -8.31 -17.35
CA LEU B 124 -1.38 -9.60 -16.96
C LEU B 124 -1.14 -10.62 -18.07
N GLY B 125 -2.08 -10.69 -19.02
CA GLY B 125 -2.08 -11.69 -20.09
C GLY B 125 -0.73 -12.01 -20.73
N LYS B 126 -0.20 -11.07 -21.51
CA LYS B 126 1.07 -11.26 -22.20
C LYS B 126 2.21 -10.88 -21.29
N LEU B 127 3.12 -11.84 -21.07
CA LEU B 127 4.13 -11.79 -20.01
C LEU B 127 5.08 -10.63 -20.15
N ARG B 128 5.51 -10.40 -21.40
CA ARG B 128 6.48 -9.37 -21.79
C ARG B 128 6.08 -7.97 -21.31
N ALA B 129 7.02 -7.29 -20.64
CA ALA B 129 6.76 -5.99 -20.03
C ALA B 129 6.38 -4.88 -21.02
N PRO B 130 7.05 -4.80 -22.20
CA PRO B 130 6.74 -3.74 -23.14
C PRO B 130 5.29 -3.27 -23.01
N ILE B 131 4.38 -4.23 -23.05
CA ILE B 131 2.94 -4.00 -22.93
C ILE B 131 2.51 -2.89 -21.97
N ARG B 132 2.97 -2.97 -20.72
CA ARG B 132 2.56 -2.00 -19.69
C ARG B 132 3.08 -0.57 -19.96
N SER B 133 4.02 -0.45 -20.90
CA SER B 133 4.75 0.80 -21.16
C SER B 133 3.91 2.04 -21.53
N VAL B 134 2.85 1.86 -22.33
CA VAL B 134 2.00 3.00 -22.72
C VAL B 134 1.00 3.39 -21.62
N THR B 135 -0.03 2.56 -21.39
CA THR B 135 -1.04 2.86 -20.37
C THR B 135 -0.51 3.27 -18.98
N TYR B 136 0.63 2.71 -18.56
CA TYR B 136 1.28 3.17 -17.32
C TYR B 136 1.70 4.65 -17.39
N THR B 137 2.08 5.11 -18.59
CA THR B 137 2.34 6.53 -18.81
C THR B 137 1.01 7.29 -18.79
N LEU B 138 -0.03 6.64 -19.31
CA LEU B 138 -1.36 7.25 -19.33
C LEU B 138 -1.93 7.46 -17.92
N ALA B 139 -1.34 6.80 -16.92
CA ALA B 139 -1.76 6.95 -15.53
C ALA B 139 -0.86 7.84 -14.71
N GLN B 140 0.44 7.83 -15.02
CA GLN B 140 1.42 8.59 -14.23
C GLN B 140 1.14 10.09 -14.22
N LEU B 141 0.87 10.64 -15.41
CA LEU B 141 0.56 12.07 -15.64
C LEU B 141 -0.62 12.62 -14.76
N PRO B 142 -1.73 11.85 -14.65
CA PRO B 142 -2.81 12.02 -13.67
C PRO B 142 -2.40 12.28 -12.22
N CYS B 143 -1.28 11.70 -11.77
CA CYS B 143 -0.73 12.02 -10.44
C CYS B 143 -0.15 13.44 -10.40
N ALA B 144 0.25 13.95 -11.57
CA ALA B 144 0.65 15.35 -11.73
C ALA B 144 -0.56 16.29 -11.95
N SER B 145 -1.52 15.85 -12.77
CA SER B 145 -2.77 16.62 -12.96
C SER B 145 -3.46 16.81 -11.61
N MET B 146 -3.73 15.70 -10.90
CA MET B 146 -4.11 15.75 -9.48
C MET B 146 -3.14 16.62 -8.68
N ALA B 147 -1.85 16.34 -8.78
CA ALA B 147 -0.87 17.12 -8.00
C ALA B 147 -1.10 18.63 -8.11
N LEU B 148 -1.23 19.13 -9.34
CA LEU B 148 -1.38 20.57 -9.63
C LEU B 148 -2.80 21.07 -9.40
N GLN B 149 -3.78 20.26 -9.79
CA GLN B 149 -5.17 20.58 -9.52
C GLN B 149 -5.50 20.52 -8.00
N ILE B 150 -4.78 19.67 -7.25
CA ILE B 150 -4.81 19.70 -5.77
C ILE B 150 -4.12 20.95 -5.16
N LEU B 151 -2.92 21.24 -5.64
CA LEU B 151 -2.13 22.31 -5.06
C LEU B 151 -2.71 23.70 -5.27
N TRP B 152 -3.46 23.90 -6.35
CA TRP B 152 -4.01 25.23 -6.61
C TRP B 152 -5.15 25.58 -5.66
N GLU B 153 -6.07 24.62 -5.47
CA GLU B 153 -7.10 24.64 -4.41
C GLU B 153 -6.39 24.88 -3.07
N ALA B 154 -5.32 24.14 -2.85
CA ALA B 154 -4.47 24.32 -1.70
C ALA B 154 -3.76 25.69 -1.63
N ALA B 155 -3.85 26.45 -2.72
CA ALA B 155 -3.21 27.77 -2.77
C ALA B 155 -4.26 28.88 -2.73
N ARG B 156 -5.46 28.55 -3.17
CA ARG B 156 -6.59 29.46 -3.13
C ARG B 156 -7.03 29.62 -1.69
N HIS B 157 -6.97 28.51 -0.97
CA HIS B 157 -7.37 28.49 0.42
C HIS B 157 -6.46 29.37 1.29
N LEU B 158 -5.16 29.32 1.07
CA LEU B 158 -4.26 30.27 1.69
C LEU B 158 -4.21 31.57 0.89
N PRO C 17 -5.92 27.23 9.02
CA PRO C 17 -4.58 26.80 9.37
C PRO C 17 -4.41 25.29 9.52
N ALA C 18 -5.52 24.56 9.48
CA ALA C 18 -5.49 23.10 9.40
C ALA C 18 -4.87 22.71 8.06
N LEU C 19 -5.67 22.87 6.99
CA LEU C 19 -5.26 22.75 5.57
C LEU C 19 -3.87 23.35 5.24
N PRO C 20 -3.56 24.55 5.76
CA PRO C 20 -2.18 25.04 5.71
C PRO C 20 -1.12 23.97 5.98
N ALA C 21 -1.25 23.24 7.10
CA ALA C 21 -0.35 22.13 7.39
C ALA C 21 -0.45 21.05 6.30
N PHE C 22 -1.68 20.78 5.88
CA PHE C 22 -2.03 19.66 5.01
C PHE C 22 -1.74 19.80 3.50
N LEU C 23 -1.58 21.01 2.99
CA LEU C 23 -1.49 21.22 1.53
C LEU C 23 -0.21 20.68 0.86
N LEU C 24 0.89 20.68 1.61
CA LEU C 24 2.14 20.08 1.13
C LEU C 24 2.33 18.64 1.63
N CYS C 25 1.36 18.15 2.40
CA CYS C 25 1.28 16.74 2.79
C CYS C 25 1.04 15.93 1.53
N SER C 26 -0.03 16.28 0.82
CA SER C 26 -0.36 15.71 -0.49
C SER C 26 0.79 15.77 -1.52
N THR C 27 1.43 16.93 -1.64
CA THR C 27 2.39 17.18 -2.71
C THR C 27 3.75 16.53 -2.45
N LEU C 28 4.39 16.86 -1.33
CA LEU C 28 5.73 16.34 -1.04
C LEU C 28 5.83 14.81 -1.16
N LEU C 29 4.75 14.13 -0.80
CA LEU C 29 4.67 12.68 -0.88
C LEU C 29 4.36 12.16 -2.29
N VAL C 30 4.06 13.08 -3.23
CA VAL C 30 4.05 12.72 -4.67
C VAL C 30 5.50 12.49 -5.08
N ILE C 31 6.39 13.42 -4.70
CA ILE C 31 7.85 13.28 -4.83
C ILE C 31 8.34 11.96 -4.21
N LYS C 32 7.55 11.43 -3.29
CA LYS C 32 7.92 10.24 -2.53
C LYS C 32 7.31 8.95 -3.10
N MET C 33 5.98 8.83 -3.10
CA MET C 33 5.35 7.61 -3.62
C MET C 33 5.08 7.56 -5.13
N TYR C 34 4.91 8.71 -5.80
CA TYR C 34 4.71 8.65 -7.26
C TYR C 34 5.66 9.38 -8.24
N VAL C 35 6.45 10.35 -7.78
CA VAL C 35 7.53 10.86 -8.65
C VAL C 35 8.71 9.89 -8.58
N VAL C 36 8.73 9.04 -7.55
CA VAL C 36 9.74 7.99 -7.42
C VAL C 36 9.27 6.69 -8.09
N ALA C 37 7.99 6.36 -7.91
CA ALA C 37 7.34 5.37 -8.75
C ALA C 37 7.53 5.70 -10.22
N ILE C 38 7.49 6.99 -10.58
CA ILE C 38 7.62 7.45 -11.98
C ILE C 38 9.00 7.17 -12.61
N ILE C 39 10.03 7.96 -12.26
CA ILE C 39 11.38 7.79 -12.84
C ILE C 39 11.80 6.32 -12.90
N THR C 40 11.53 5.61 -11.80
CA THR C 40 11.95 4.23 -11.62
C THR C 40 11.33 3.27 -12.65
N GLY C 41 10.20 3.64 -13.25
CA GLY C 41 9.58 2.86 -14.36
C GLY C 41 9.91 3.42 -15.72
N GLN C 42 9.66 4.73 -15.89
CA GLN C 42 10.19 5.54 -16.99
C GLN C 42 11.62 5.13 -17.32
N VAL C 43 12.49 5.18 -16.31
CA VAL C 43 13.91 4.81 -16.43
C VAL C 43 14.11 3.31 -16.69
N ARG C 44 13.35 2.45 -16.02
CA ARG C 44 13.57 1.02 -16.14
C ARG C 44 13.06 0.49 -17.46
N LEU C 45 11.76 0.56 -17.70
CA LEU C 45 11.17 0.05 -18.94
C LEU C 45 12.00 0.51 -20.14
N ARG C 46 12.61 1.69 -20.00
CA ARG C 46 13.51 2.31 -21.00
C ARG C 46 14.91 1.69 -21.11
N LYS C 47 15.71 1.81 -20.05
CA LYS C 47 17.05 1.19 -19.97
C LYS C 47 16.93 -0.31 -20.16
N LYS C 48 15.77 -0.83 -19.74
CA LYS C 48 15.42 -2.24 -19.76
C LYS C 48 16.20 -3.07 -20.78
N ALA C 49 16.95 -4.03 -20.26
CA ALA C 49 17.54 -5.08 -21.07
C ALA C 49 16.66 -6.31 -20.96
N PHE C 50 15.36 -6.07 -20.86
CA PHE C 50 14.36 -7.13 -20.94
C PHE C 50 14.06 -7.50 -22.39
N ALA C 51 13.58 -8.73 -22.57
CA ALA C 51 13.87 -9.56 -23.75
C ALA C 51 15.05 -10.48 -23.34
N ASN C 52 15.31 -10.47 -22.02
CA ASN C 52 16.42 -11.14 -21.36
C ASN C 52 16.81 -12.48 -21.96
N PRO C 53 18.10 -12.65 -22.29
CA PRO C 53 18.64 -13.71 -23.11
C PRO C 53 17.57 -14.68 -23.58
N GLU C 54 16.77 -14.25 -24.57
CA GLU C 54 15.51 -14.95 -24.99
C GLU C 54 14.55 -15.19 -23.81
N ASP C 55 13.53 -14.33 -23.70
CA ASP C 55 12.73 -14.30 -22.49
C ASP C 55 11.30 -13.78 -22.64
N ALA C 56 10.37 -14.66 -22.27
CA ALA C 56 9.06 -14.30 -21.81
C ALA C 56 9.26 -14.10 -20.31
N LEU C 57 9.06 -12.87 -19.85
CA LEU C 57 9.61 -12.46 -18.55
C LEU C 57 9.04 -13.10 -17.28
N ARG C 58 9.22 -12.38 -16.17
CA ARG C 58 9.38 -12.89 -14.78
C ARG C 58 10.80 -13.44 -14.62
N HIS C 59 11.29 -13.48 -13.38
CA HIS C 59 12.71 -13.78 -13.02
C HIS C 59 13.76 -12.72 -13.44
N GLY C 60 14.24 -11.93 -12.49
CA GLY C 60 15.15 -10.81 -12.80
C GLY C 60 16.47 -10.83 -12.06
N GLY C 61 17.37 -11.73 -12.48
CA GLY C 61 18.68 -11.93 -11.82
C GLY C 61 19.79 -12.70 -12.52
N PRO C 62 19.89 -12.65 -13.87
CA PRO C 62 21.09 -13.20 -14.52
C PRO C 62 22.30 -12.26 -14.36
N GLN C 63 22.53 -11.41 -15.38
CA GLN C 63 23.59 -10.39 -15.35
C GLN C 63 23.19 -9.16 -14.56
N TYR C 64 24.08 -8.78 -13.65
CA TYR C 64 24.00 -7.63 -12.73
C TYR C 64 23.55 -6.28 -13.36
N CYS C 65 24.21 -5.86 -14.43
CA CYS C 65 23.90 -4.59 -15.13
C CYS C 65 22.44 -4.53 -15.57
N ARG C 66 21.83 -5.71 -15.66
CA ARG C 66 20.49 -5.91 -16.18
C ARG C 66 19.54 -6.05 -14.99
N SER C 67 19.82 -7.00 -14.11
CA SER C 67 18.88 -7.38 -13.07
C SER C 67 19.17 -6.85 -11.65
N ASP C 68 20.28 -7.29 -11.05
CA ASP C 68 20.53 -7.09 -9.61
C ASP C 68 20.31 -5.69 -8.97
N PRO C 69 20.80 -4.58 -9.58
CA PRO C 69 20.53 -3.30 -8.92
C PRO C 69 19.15 -2.79 -9.28
N ASP C 70 18.79 -2.94 -10.55
CA ASP C 70 17.46 -2.63 -11.02
C ASP C 70 16.40 -3.23 -10.09
N VAL C 71 16.12 -4.54 -10.25
CA VAL C 71 15.05 -5.25 -9.52
C VAL C 71 15.03 -4.84 -8.05
N GLU C 72 16.24 -4.69 -7.48
CA GLU C 72 16.42 -4.15 -6.15
C GLU C 72 15.90 -2.71 -6.08
N ARG C 73 16.60 -1.76 -6.72
CA ARG C 73 16.29 -0.34 -6.57
C ARG C 73 14.82 -0.05 -6.84
N CYS C 74 14.33 -0.56 -7.98
CA CYS C 74 12.90 -0.54 -8.32
C CYS C 74 12.08 -0.76 -7.07
N LEU C 75 12.31 -1.93 -6.44
CA LEU C 75 11.62 -2.39 -5.24
C LEU C 75 12.15 -1.77 -3.96
N ARG C 76 13.42 -1.34 -3.97
CA ARG C 76 14.06 -0.66 -2.81
C ARG C 76 13.42 0.68 -2.47
N ALA C 77 13.26 1.54 -3.49
CA ALA C 77 12.48 2.76 -3.35
C ALA C 77 11.01 2.42 -3.01
N HIS C 78 10.40 1.54 -3.81
CA HIS C 78 8.97 1.17 -3.72
C HIS C 78 8.50 0.79 -2.33
N ARG C 79 9.07 -0.29 -1.80
CA ARG C 79 8.73 -0.84 -0.48
C ARG C 79 8.87 0.22 0.61
N ASN C 80 9.83 1.11 0.40
CA ASN C 80 10.09 2.23 1.29
C ASN C 80 9.08 3.35 1.13
N ASP C 81 8.75 3.67 -0.12
CA ASP C 81 7.64 4.58 -0.44
C ASP C 81 6.34 4.11 0.18
N MET C 82 6.04 2.82 -0.02
CA MET C 82 4.86 2.18 0.56
C MET C 82 4.67 2.40 2.07
N GLU C 83 5.69 2.09 2.86
CA GLU C 83 5.52 2.01 4.32
C GLU C 83 5.47 3.33 5.10
N THR C 84 5.99 4.44 4.55
CA THR C 84 5.84 5.76 5.19
C THR C 84 4.42 6.28 4.99
N ILE C 85 3.89 6.06 3.79
CA ILE C 85 2.55 6.52 3.45
C ILE C 85 1.56 6.28 4.62
N TYR C 86 1.15 5.02 4.83
CA TYR C 86 -0.03 4.63 5.66
C TYR C 86 -0.15 5.29 7.04
N PRO C 87 0.89 5.13 7.90
CA PRO C 87 0.74 5.70 9.24
C PRO C 87 0.56 7.21 9.12
N PHE C 88 1.44 7.81 8.35
CA PHE C 88 1.45 9.23 8.01
C PHE C 88 0.14 9.87 7.50
N LEU C 89 -0.37 9.39 6.36
CA LEU C 89 -1.57 9.96 5.73
C LEU C 89 -2.84 9.54 6.43
N PHE C 90 -3.03 8.22 6.57
CA PHE C 90 -4.20 7.60 7.25
C PHE C 90 -4.35 8.02 8.72
N LEU C 91 -3.25 8.02 9.49
CA LEU C 91 -3.33 8.55 10.84
C LEU C 91 -3.59 10.06 10.73
N GLY C 92 -2.90 10.69 9.77
CA GLY C 92 -3.03 12.12 9.49
C GLY C 92 -4.35 12.57 8.88
N PHE C 93 -5.03 11.68 8.17
CA PHE C 93 -6.38 11.96 7.64
C PHE C 93 -7.46 11.93 8.74
N VAL C 94 -7.50 10.86 9.54
CA VAL C 94 -8.58 10.68 10.54
C VAL C 94 -8.64 11.89 11.45
N TYR C 95 -7.48 12.18 12.05
CA TYR C 95 -7.35 13.23 13.07
C TYR C 95 -7.31 14.62 12.44
N SER C 96 -7.36 14.69 11.11
CA SER C 96 -7.27 15.94 10.37
C SER C 96 -8.59 16.69 10.36
N PHE C 97 -9.62 16.06 9.80
CA PHE C 97 -10.92 16.68 9.69
C PHE C 97 -11.56 16.47 11.05
N LEU C 98 -11.31 17.44 11.94
CA LEU C 98 -11.43 17.22 13.38
C LEU C 98 -10.99 18.41 14.23
N GLY C 99 -10.11 19.24 13.67
CA GLY C 99 -9.56 20.37 14.42
C GLY C 99 -8.26 19.94 15.08
N PRO C 100 -7.12 20.12 14.36
CA PRO C 100 -5.77 19.92 14.84
C PRO C 100 -5.01 21.24 14.99
N ASN C 101 -3.67 21.17 14.97
CA ASN C 101 -2.81 22.35 15.10
C ASN C 101 -1.58 22.30 14.16
N PRO C 102 -1.16 23.47 13.61
CA PRO C 102 -0.10 23.53 12.57
C PRO C 102 1.26 22.96 13.02
N PHE C 103 1.98 23.68 13.90
CA PHE C 103 3.25 23.22 14.47
C PHE C 103 3.28 21.71 14.50
N VAL C 104 2.33 21.16 15.26
CA VAL C 104 2.15 19.74 15.52
C VAL C 104 2.18 18.92 14.24
N ALA C 105 1.20 19.16 13.37
CA ALA C 105 1.06 18.55 12.03
C ALA C 105 2.14 19.02 11.06
N TRP C 106 2.93 20.02 11.46
CA TRP C 106 4.14 20.41 10.74
C TRP C 106 5.34 19.57 11.18
N MET C 107 5.39 19.23 12.46
CA MET C 107 6.48 18.41 12.97
C MET C 107 6.36 17.02 12.37
N HIS C 108 5.17 16.45 12.51
CA HIS C 108 4.90 15.12 12.00
C HIS C 108 5.13 14.99 10.48
N PHE C 109 4.62 15.92 9.68
CA PHE C 109 4.85 15.87 8.23
C PHE C 109 6.34 16.01 7.80
N LEU C 110 7.06 16.97 8.37
CA LEU C 110 8.51 17.18 8.08
C LEU C 110 9.46 16.03 8.47
N VAL C 111 9.54 15.72 9.77
CA VAL C 111 10.47 14.72 10.33
C VAL C 111 10.37 13.33 9.67
N PHE C 112 9.13 12.86 9.47
CA PHE C 112 8.81 11.63 8.72
C PHE C 112 9.52 11.55 7.38
N LEU C 113 9.32 12.58 6.55
CA LEU C 113 9.84 12.62 5.18
C LEU C 113 11.36 12.68 5.16
N VAL C 114 11.92 13.60 5.95
CA VAL C 114 13.37 13.79 6.01
C VAL C 114 13.99 12.59 6.73
N GLY C 115 13.16 11.86 7.48
CA GLY C 115 13.55 10.59 8.11
C GLY C 115 13.41 9.39 7.18
N ARG C 116 12.38 9.38 6.37
CA ARG C 116 12.19 8.29 5.40
C ARG C 116 13.03 8.44 4.11
N VAL C 117 13.34 9.68 3.71
CA VAL C 117 14.17 9.93 2.52
C VAL C 117 15.59 9.45 2.77
N ALA C 118 16.16 9.80 3.91
CA ALA C 118 17.44 9.22 4.27
C ALA C 118 17.33 7.69 4.39
N HIS C 119 16.17 7.17 4.78
CA HIS C 119 16.00 5.73 4.91
C HIS C 119 15.95 5.00 3.58
N THR C 120 14.97 5.36 2.74
CA THR C 120 14.80 4.83 1.39
C THR C 120 16.11 4.86 0.59
N VAL C 121 16.67 6.07 0.44
CA VAL C 121 17.88 6.37 -0.33
C VAL C 121 19.09 5.54 0.11
N ALA C 122 19.28 5.45 1.43
CA ALA C 122 20.39 4.72 2.05
C ALA C 122 20.42 3.30 1.55
N TYR C 123 19.39 2.55 1.93
CA TYR C 123 19.13 1.21 1.42
C TYR C 123 19.29 1.17 -0.09
N LEU C 124 18.57 2.07 -0.77
CA LEU C 124 18.62 2.20 -2.24
C LEU C 124 20.04 2.14 -2.80
N GLY C 125 20.98 2.83 -2.13
CA GLY C 125 22.34 2.98 -2.63
C GLY C 125 23.20 1.73 -2.46
N LYS C 126 24.02 1.73 -1.41
CA LYS C 126 24.83 0.57 -1.10
C LYS C 126 23.86 -0.58 -0.87
N LEU C 127 23.84 -1.51 -1.83
CA LEU C 127 22.86 -2.62 -1.89
C LEU C 127 22.40 -3.09 -0.51
N ARG C 128 23.32 -3.06 0.44
CA ARG C 128 23.08 -3.55 1.80
C ARG C 128 21.90 -2.93 2.57
N ALA C 129 21.44 -3.66 3.59
CA ALA C 129 20.29 -3.28 4.42
C ALA C 129 20.68 -2.51 5.67
N PRO C 130 21.75 -2.95 6.38
CA PRO C 130 22.14 -2.32 7.66
C PRO C 130 22.18 -0.80 7.63
N ILE C 131 22.39 -0.21 6.46
CA ILE C 131 22.37 1.23 6.33
C ILE C 131 20.94 1.80 6.55
N ARG C 132 19.92 0.94 6.44
CA ARG C 132 18.54 1.34 6.72
C ARG C 132 18.17 1.39 8.22
N SER C 133 18.92 0.66 9.06
CA SER C 133 18.62 0.54 10.48
C SER C 133 18.45 1.90 11.17
N VAL C 134 19.19 2.89 10.67
CA VAL C 134 19.25 4.22 11.26
C VAL C 134 17.92 5.02 11.19
N THR C 135 17.57 5.55 10.01
CA THR C 135 16.47 6.51 9.89
C THR C 135 15.04 5.96 9.99
N TYR C 136 14.90 4.63 9.91
CA TYR C 136 13.59 3.97 10.03
C TYR C 136 13.00 4.03 11.44
N THR C 137 13.86 4.09 12.46
CA THR C 137 13.47 4.44 13.84
C THR C 137 13.13 5.95 13.89
N LEU C 138 13.93 6.77 13.20
CA LEU C 138 13.59 8.17 12.99
C LEU C 138 12.36 8.35 12.08
N ALA C 139 11.87 7.24 11.51
CA ALA C 139 10.58 7.21 10.82
C ALA C 139 9.47 6.62 11.70
N GLN C 140 9.81 5.54 12.40
CA GLN C 140 8.87 4.80 13.24
C GLN C 140 8.44 5.55 14.50
N LEU C 141 9.28 6.49 14.99
CA LEU C 141 8.99 7.27 16.22
C LEU C 141 7.96 8.37 16.00
N PRO C 142 8.10 9.14 14.90
CA PRO C 142 6.93 9.89 14.42
C PRO C 142 5.63 9.05 14.30
N CYS C 143 5.69 7.83 13.79
CA CYS C 143 4.54 6.90 13.86
C CYS C 143 3.95 6.84 15.26
N ALA C 144 4.83 6.91 16.26
CA ALA C 144 4.49 6.66 17.66
C ALA C 144 3.89 7.90 18.29
N SER C 145 4.34 9.06 17.84
CA SER C 145 3.87 10.35 18.38
C SER C 145 2.66 10.88 17.61
N MET C 146 2.59 10.56 16.32
CA MET C 146 1.41 10.83 15.48
C MET C 146 0.21 10.02 15.91
N ALA C 147 0.46 8.74 16.25
CA ALA C 147 -0.56 7.77 16.61
C ALA C 147 -1.22 8.10 17.94
N LEU C 148 -0.47 8.76 18.82
CA LEU C 148 -1.00 9.26 20.08
C LEU C 148 -1.75 10.58 19.88
N GLN C 149 -1.12 11.51 19.17
CA GLN C 149 -1.73 12.82 18.85
C GLN C 149 -3.12 12.72 18.22
N ILE C 150 -3.36 11.65 17.46
CA ILE C 150 -4.71 11.28 17.10
C ILE C 150 -5.56 11.15 18.37
N LEU C 151 -5.32 10.09 19.15
CA LEU C 151 -6.20 9.68 20.26
C LEU C 151 -6.43 10.78 21.29
N TRP C 152 -5.37 11.52 21.60
CA TRP C 152 -5.43 12.53 22.64
C TRP C 152 -6.37 13.65 22.22
N GLU C 153 -6.02 14.33 21.12
CA GLU C 153 -6.88 15.34 20.51
C GLU C 153 -8.27 14.74 20.23
N ALA C 154 -8.30 13.53 19.68
CA ALA C 154 -9.56 12.87 19.30
C ALA C 154 -10.41 12.49 20.50
N ALA C 155 -9.83 12.62 21.70
CA ALA C 155 -10.57 12.48 22.95
C ALA C 155 -11.09 13.84 23.42
N ARG C 156 -10.49 14.91 22.90
CA ARG C 156 -10.90 16.27 23.25
C ARG C 156 -11.97 16.82 22.27
N HIS C 157 -12.35 16.03 21.28
CA HIS C 157 -13.46 16.42 20.39
C HIS C 157 -14.75 15.69 20.77
N LEU C 158 -14.79 15.15 21.98
CA LEU C 158 -15.92 14.40 22.46
C LEU C 158 -16.11 14.79 23.93
N1 GSH D . -4.66 -13.39 -4.29
CA1 GSH D . -4.56 -12.77 -2.97
C1 GSH D . -3.18 -12.96 -2.34
O11 GSH D . -2.83 -12.43 -1.25
O12 GSH D . -2.28 -13.69 -2.89
CB1 GSH D . -4.94 -11.29 -3.14
CG1 GSH D . -6.30 -10.96 -2.51
CD1 GSH D . -6.08 -10.48 -1.09
OE1 GSH D . -5.87 -9.11 -0.84
N2 GSH D . -6.11 -11.44 -0.19
CA2 GSH D . -5.82 -11.13 1.18
C2 GSH D . -4.84 -12.07 1.85
O2 GSH D . -4.57 -11.90 3.23
CB2 GSH D . -7.13 -11.08 1.94
SG2 GSH D . -7.42 -12.63 2.82
N3 GSH D . -4.23 -13.03 1.14
CA3 GSH D . -3.31 -13.93 1.83
C3 GSH D . -2.00 -14.28 1.12
O31 GSH D . -0.92 -14.13 1.77
O32 GSH D . -1.96 -14.71 -0.08
N1 GSH E . 10.31 0.78 -11.77
CA1 GSH E . 8.90 0.75 -12.11
C1 GSH E . 8.34 -0.62 -11.78
O11 GSH E . 7.16 -0.77 -11.38
O12 GSH E . 9.05 -1.65 -11.92
CB1 GSH E . 8.19 1.88 -11.35
CG1 GSH E . 7.07 2.48 -12.19
CD1 GSH E . 5.79 2.18 -11.48
OE1 GSH E . 5.45 2.99 -10.35
N2 GSH E . 5.07 1.16 -11.98
CA2 GSH E . 3.76 0.73 -11.51
C2 GSH E . 3.32 -0.54 -12.18
O2 GSH E . 1.97 -0.76 -12.52
CB2 GSH E . 2.76 1.87 -11.64
SG2 GSH E . 2.34 2.18 -13.37
N3 GSH E . 4.28 -1.44 -12.41
CA3 GSH E . 4.13 -2.61 -13.28
C3 GSH E . 5.49 -3.00 -13.80
O31 GSH E . 6.53 -2.84 -13.12
O32 GSH E . 5.62 -3.48 -14.95
N1 GSH F . 9.64 -5.81 9.27
CA1 GSH F . 10.28 -4.51 9.04
C1 GSH F . 10.98 -4.50 7.70
O11 GSH F . 10.53 -3.84 6.74
O12 GSH F . 12.05 -5.15 7.55
CB1 GSH F . 9.23 -3.41 9.11
CG1 GSH F . 9.76 -2.19 9.82
CD1 GSH F . 9.36 -0.95 9.06
OE1 GSH F . 8.05 -0.44 9.12
N2 GSH F . 10.34 -0.41 8.35
CA2 GSH F . 10.15 0.57 7.29
C2 GSH F . 11.07 0.35 6.13
O2 GSH F . 11.05 1.26 5.06
CB2 GSH F . 10.46 1.96 7.83
SG2 GSH F . 10.57 1.92 9.64
N3 GSH F . 11.89 -0.70 6.19
CA3 GSH F . 12.44 -1.44 5.06
C3 GSH F . 13.69 -2.21 5.45
O31 GSH F . 13.66 -3.32 6.03
O32 GSH F . 14.82 -1.74 5.22
#